data_3I2C
#
_entry.id   3I2C
#
_cell.length_a   99.430
_cell.length_b   99.430
_cell.length_c   115.040
_cell.angle_alpha   90.00
_cell.angle_beta   90.00
_cell.angle_gamma   90.00
#
_symmetry.space_group_name_H-M   'I 4'
#
loop_
_entity.id
_entity.type
_entity.pdbx_description
1 polymer 'CNTO4088 LIGHT CHAIN'
2 polymer 'CNTO4088 HEAVY CHAIN'
3 non-polymer GLYCEROL
4 water water
#
loop_
_entity_poly.entity_id
_entity_poly.type
_entity_poly.pdbx_seq_one_letter_code
_entity_poly.pdbx_strand_id
1 'polypeptide(L)'
;DIVLTQSPASLAVSLGQRATISCRASKSVSSSAYSFFHWYQQKPGQPPKLLIYLASNLQSGVPARFSGSGSGTDFTLNIH
PVEAEDAATYYCQHSGELPFTFGSGTKLEIKRADAAPTVSIFPPSSEQLTSGGASVVCFLNNFYPKDINVKWKIDGSERQ
NGVLNSWTDQDSKDSTYSMSSTLTLTKDEYERHNSYTCEATHKTSTSPIVKSFNRNEC
;
L
2 'polypeptide(L)'
;EVQLVQSGGGLVQPKGSLKLSCAASGFNFNTYAMHWVRQAPGKGLEWIGRIRSKSHNYATDYADPVKDRFTISRDDSQGL
LYLLMNNLKTEDTAMYYCMREGIYGSFAYWGQGTLVTVSAAKTTPPSVYPLAPGSAAQTNSMVTLGCLVKGYFPEPVTVT
WNSGSLSSGVHTFPAVLQSDLYTLSSSVTVPSSTWPSETVTCNVAHPASSTKVDKKIVPRDC
;
H
#
loop_
_chem_comp.id
_chem_comp.type
_chem_comp.name
_chem_comp.formula
GOL non-polymer GLYCEROL 'C3 H8 O3'
#
# COMPACT_ATOMS: atom_id res chain seq x y z
N ASP A 1 9.16 29.14 -0.14
CA ASP A 1 9.38 27.66 -0.02
C ASP A 1 10.48 27.18 -0.96
N ILE A 2 11.33 26.29 -0.45
CA ILE A 2 12.25 25.57 -1.31
C ILE A 2 11.47 24.40 -1.90
N VAL A 3 11.15 24.52 -3.18
CA VAL A 3 10.23 23.61 -3.84
C VAL A 3 11.00 22.61 -4.69
N LEU A 4 10.89 21.34 -4.33
CA LEU A 4 11.70 20.28 -4.93
C LEU A 4 11.04 19.64 -6.15
N THR A 5 11.77 19.64 -7.27
CA THR A 5 11.32 19.06 -8.52
C THR A 5 12.09 17.77 -8.75
N GLN A 6 11.41 16.64 -8.58
CA GLN A 6 12.04 15.36 -8.83
C GLN A 6 11.85 14.89 -10.27
N SER A 7 12.88 14.22 -10.80
CA SER A 7 12.81 13.57 -12.10
C SER A 7 13.84 12.44 -12.15
N PRO A 8 13.50 11.30 -12.78
CA PRO A 8 12.22 11.06 -13.46
C PRO A 8 11.10 10.70 -12.49
N ALA A 9 9.91 10.47 -13.01
CA ALA A 9 8.79 10.07 -12.18
C ALA A 9 8.89 8.58 -11.91
N SER A 10 9.60 7.89 -12.80
CA SER A 10 9.70 6.46 -12.81
C SER A 10 10.77 6.05 -13.80
N LEU A 11 11.49 4.98 -13.48
CA LEU A 11 12.45 4.40 -14.39
C LEU A 11 12.51 2.89 -14.13
N ALA A 12 13.05 2.15 -15.09
CA ALA A 12 13.12 0.70 -15.01
C ALA A 12 14.55 0.26 -15.26
N VAL A 13 15.14 -0.46 -14.31
CA VAL A 13 16.52 -0.90 -14.47
C VAL A 13 16.74 -2.39 -14.16
N SER A 14 17.76 -2.96 -14.80
CA SER A 14 18.09 -4.36 -14.64
C SER A 14 18.89 -4.60 -13.38
N LEU A 15 18.85 -5.83 -12.87
CA LEU A 15 19.67 -6.22 -11.72
C LEU A 15 21.13 -5.96 -12.05
N GLY A 16 21.83 -5.25 -11.17
CA GLY A 16 23.25 -4.95 -11.35
C GLY A 16 23.58 -3.66 -12.09
N GLN A 17 22.57 -3.08 -12.75
CA GLN A 17 22.74 -1.85 -13.54
C GLN A 17 22.71 -0.59 -12.66
N ARG A 18 22.95 0.58 -13.24
CA ARG A 18 22.97 1.84 -12.48
C ARG A 18 21.64 2.59 -12.57
N ALA A 19 21.19 3.14 -11.44
CA ALA A 19 19.98 3.96 -11.41
C ALA A 19 20.28 5.33 -10.82
N THR A 20 19.79 6.37 -11.50
CA THR A 20 20.08 7.74 -11.12
C THR A 20 18.81 8.57 -11.00
N ILE A 21 18.62 9.17 -9.81
CA ILE A 21 17.42 9.94 -9.50
C ILE A 21 17.76 11.39 -9.13
N SER A 22 17.24 12.34 -9.89
CA SER A 22 17.60 13.75 -9.75
C SER A 22 16.56 14.54 -8.99
N CYS A 23 17.03 15.58 -8.31
CA CYS A 23 16.19 16.45 -7.51
C CYS A 23 16.70 17.90 -7.61
N ARG A 24 15.80 18.83 -7.95
CA ARG A 24 16.13 20.26 -8.05
C ARG A 24 15.42 21.11 -7.00
N ALA A 25 16.07 22.18 -6.57
CA ALA A 25 15.48 23.11 -5.63
C ALA A 25 15.50 24.52 -6.18
N SER A 26 14.46 25.28 -5.90
CA SER A 26 14.50 26.72 -6.07
C SER A 26 15.38 27.31 -4.95
N LYS A 27 16.07 28.41 -5.21
CA LYS A 27 16.91 29.04 -4.19
C LYS A 27 16.07 29.97 -3.32
N SER A 28 16.42 30.09 -2.05
CA SER A 28 15.73 31.04 -1.19
C SER A 28 16.60 32.22 -0.78
N VAL A 29 16.09 33.00 0.17
CA VAL A 29 16.60 34.34 0.46
C VAL A 29 17.74 34.58 1.46
N SER A 30 17.44 34.48 2.75
CA SER A 30 18.25 35.07 3.82
C SER A 30 19.58 34.33 3.91
N SER A 31 20.64 35.08 4.22
CA SER A 31 21.97 34.54 4.49
C SER A 31 21.93 33.65 5.74
N SER A 32 21.08 34.04 6.69
CA SER A 32 20.64 33.19 7.78
C SER A 32 19.81 32.04 7.17
N ALA A 33 20.49 31.07 6.56
CA ALA A 33 19.84 29.96 5.87
C ALA A 33 20.24 28.60 6.43
N TYR A 34 21.23 27.96 5.81
CA TYR A 34 21.67 26.60 6.15
C TYR A 34 20.59 25.55 5.90
N SER A 35 20.46 25.13 4.64
CA SER A 35 19.49 24.10 4.25
C SER A 35 20.16 22.82 3.70
N PHE A 36 19.57 21.67 4.05
CA PHE A 36 20.19 20.38 3.76
C PHE A 36 19.30 19.48 2.89
N PHE A 37 19.90 18.44 2.32
CA PHE A 37 19.17 17.46 1.52
C PHE A 37 19.26 16.07 2.12
N HIS A 38 18.23 15.27 1.88
CA HIS A 38 18.16 13.89 2.37
C HIS A 38 17.29 13.05 1.44
N TRP A 39 17.59 11.76 1.36
CA TRP A 39 16.86 10.85 0.49
C TRP A 39 16.19 9.71 1.24
N TYR A 40 15.00 9.35 0.78
CA TYR A 40 14.19 8.34 1.45
C TYR A 40 13.72 7.25 0.48
N GLN A 41 13.73 6.02 0.96
CA GLN A 41 13.21 4.88 0.22
C GLN A 41 11.94 4.40 0.91
N GLN A 42 10.86 4.28 0.15
CA GLN A 42 9.59 3.73 0.66
C GLN A 42 9.11 2.50 -0.10
N LYS A 43 9.00 1.38 0.61
CA LYS A 43 8.51 0.12 0.05
C LYS A 43 7.03 -0.05 0.39
N PRO A 44 6.30 -0.81 -0.44
CA PRO A 44 4.85 -1.01 -0.40
C PRO A 44 4.07 -0.53 0.85
N GLY A 45 3.88 -1.40 1.84
CA GLY A 45 3.09 -1.01 3.02
C GLY A 45 3.97 -0.60 4.18
N GLN A 46 4.91 0.31 3.92
CA GLN A 46 5.94 0.67 4.90
C GLN A 46 6.22 2.17 5.00
N PRO A 47 6.60 2.66 6.19
CA PRO A 47 7.10 4.04 6.30
C PRO A 47 8.38 4.22 5.50
N PRO A 48 8.57 5.39 4.89
CA PRO A 48 9.86 5.65 4.23
C PRO A 48 11.06 5.45 5.18
N LYS A 49 12.19 5.07 4.60
CA LYS A 49 13.41 4.75 5.34
C LYS A 49 14.50 5.71 4.87
N LEU A 50 15.18 6.35 5.81
CA LEU A 50 16.25 7.28 5.47
C LEU A 50 17.46 6.58 4.88
N LEU A 51 17.87 7.02 3.70
CA LEU A 51 19.00 6.42 2.98
C LEU A 51 20.29 7.22 3.13
N ILE A 52 20.25 8.49 2.71
CA ILE A 52 21.44 9.35 2.68
C ILE A 52 21.17 10.73 3.31
N TYR A 53 22.08 11.16 4.17
CA TYR A 53 21.94 12.45 4.85
C TYR A 53 22.94 13.51 4.38
N LEU A 54 22.46 14.75 4.34
CA LEU A 54 23.16 15.89 3.73
C LEU A 54 23.81 15.54 2.36
N ALA A 55 22.96 15.29 1.36
CA ALA A 55 23.39 15.09 -0.04
C ALA A 55 24.21 13.84 -0.35
N SER A 56 25.26 13.58 0.44
CA SER A 56 26.29 12.58 0.07
C SER A 56 26.77 11.60 1.17
N ASN A 57 26.46 11.86 2.43
CA ASN A 57 26.84 10.95 3.53
C ASN A 57 25.91 9.74 3.62
N LEU A 58 26.49 8.56 3.84
CA LEU A 58 25.73 7.30 3.88
C LEU A 58 25.21 6.96 5.28
N GLN A 59 24.02 6.36 5.34
CA GLN A 59 23.37 5.99 6.61
C GLN A 59 23.76 4.60 7.13
N SER A 60 23.83 4.47 8.45
CA SER A 60 24.19 3.21 9.13
C SER A 60 23.19 2.10 8.85
N GLY A 61 23.64 1.08 8.13
CA GLY A 61 22.79 -0.06 7.79
C GLY A 61 22.48 -0.22 6.31
N VAL A 62 22.38 0.89 5.58
CA VAL A 62 22.11 0.85 4.14
C VAL A 62 23.39 0.50 3.35
N PRO A 63 23.28 -0.43 2.37
CA PRO A 63 24.46 -0.98 1.69
C PRO A 63 25.31 0.04 0.90
N ALA A 64 26.55 -0.34 0.59
CA ALA A 64 27.54 0.51 -0.07
C ALA A 64 27.11 1.04 -1.44
N ARG A 65 25.98 0.50 -1.93
CA ARG A 65 25.52 0.74 -3.29
C ARG A 65 24.61 1.98 -3.44
N PHE A 66 24.26 2.58 -2.32
CA PHE A 66 23.57 3.86 -2.32
C PHE A 66 24.56 4.98 -2.11
N SER A 67 24.55 5.94 -3.02
CA SER A 67 25.37 7.14 -2.87
C SER A 67 24.59 8.37 -3.32
N GLY A 68 24.94 9.51 -2.73
CA GLY A 68 24.35 10.78 -3.07
C GLY A 68 25.42 11.79 -3.40
N SER A 69 25.03 12.83 -4.14
CA SER A 69 25.91 13.92 -4.51
C SER A 69 25.10 15.15 -4.88
N GLY A 70 25.78 16.26 -5.17
CA GLY A 70 25.14 17.43 -5.72
C GLY A 70 25.62 18.73 -5.15
N SER A 71 25.43 19.81 -5.92
CA SER A 71 25.82 21.15 -5.50
C SER A 71 24.66 22.12 -5.66
N GLY A 72 24.57 23.05 -4.70
CA GLY A 72 23.57 24.11 -4.72
C GLY A 72 22.14 23.63 -4.81
N THR A 73 21.61 23.60 -6.03
CA THR A 73 20.22 23.26 -6.26
C THR A 73 20.02 21.86 -6.83
N ASP A 74 21.06 21.31 -7.45
CA ASP A 74 20.93 20.01 -8.12
C ASP A 74 21.50 18.86 -7.30
N PHE A 75 20.64 17.86 -7.06
CA PHE A 75 21.01 16.71 -6.24
C PHE A 75 20.65 15.41 -6.92
N THR A 76 21.47 14.38 -6.67
CA THR A 76 21.41 13.12 -7.39
C THR A 76 21.51 11.96 -6.42
N LEU A 77 20.69 10.92 -6.64
CA LEU A 77 20.84 9.66 -5.92
C LEU A 77 21.24 8.56 -6.89
N ASN A 78 22.34 7.88 -6.56
CA ASN A 78 22.85 6.77 -7.35
C ASN A 78 22.64 5.43 -6.68
N ILE A 79 22.10 4.47 -7.42
CA ILE A 79 21.97 3.09 -6.96
C ILE A 79 22.73 2.19 -7.94
N HIS A 80 23.83 1.60 -7.46
CA HIS A 80 24.66 0.68 -8.23
C HIS A 80 25.49 -0.22 -7.31
N PRO A 81 25.32 -1.55 -7.41
CA PRO A 81 24.44 -2.26 -8.34
C PRO A 81 23.01 -2.37 -7.84
N VAL A 82 22.06 -2.39 -8.77
CA VAL A 82 20.65 -2.45 -8.43
C VAL A 82 20.27 -3.88 -8.08
N GLU A 83 19.56 -4.04 -6.97
CA GLU A 83 19.12 -5.36 -6.50
C GLU A 83 17.60 -5.42 -6.43
N ALA A 84 17.05 -6.63 -6.47
CA ALA A 84 15.59 -6.84 -6.49
C ALA A 84 14.81 -6.11 -5.39
N GLU A 85 15.41 -5.95 -4.21
CA GLU A 85 14.75 -5.31 -3.06
C GLU A 85 14.64 -3.78 -3.20
N ASP A 86 15.31 -3.22 -4.22
CA ASP A 86 15.32 -1.77 -4.48
C ASP A 86 14.04 -1.26 -5.14
N ALA A 87 13.16 -2.19 -5.49
CA ALA A 87 11.86 -1.86 -6.06
C ALA A 87 11.03 -1.07 -5.03
N ALA A 88 11.03 0.25 -5.18
CA ALA A 88 10.42 1.13 -4.19
C ALA A 88 10.15 2.49 -4.81
N THR A 89 9.66 3.42 -4.00
CA THR A 89 9.56 4.81 -4.46
C THR A 89 10.52 5.64 -3.63
N TYR A 90 11.18 6.60 -4.27
CA TYR A 90 12.24 7.38 -3.63
C TYR A 90 11.87 8.86 -3.54
N TYR A 91 12.11 9.46 -2.37
CA TYR A 91 11.76 10.87 -2.16
C TYR A 91 12.96 11.70 -1.70
N CYS A 92 13.13 12.88 -2.26
CA CYS A 92 14.12 13.81 -1.72
C CYS A 92 13.40 14.69 -0.72
N GLN A 93 14.19 15.28 0.18
CA GLN A 93 13.64 16.11 1.24
C GLN A 93 14.58 17.28 1.48
N HIS A 94 14.03 18.39 1.94
CA HIS A 94 14.82 19.57 2.31
C HIS A 94 14.60 19.85 3.80
N SER A 95 15.65 20.27 4.51
CA SER A 95 15.63 20.30 5.99
C SER A 95 16.00 21.60 6.70
N GLY A 96 16.47 22.62 5.98
CA GLY A 96 16.92 23.83 6.65
C GLY A 96 15.83 24.79 7.10
N GLU A 97 15.69 25.87 6.35
CA GLU A 97 14.63 26.84 6.59
C GLU A 97 13.26 26.23 6.37
N LEU A 98 12.33 26.59 7.26
CA LEU A 98 10.95 26.12 7.19
C LEU A 98 10.26 26.67 5.95
N PRO A 99 9.27 25.93 5.42
CA PRO A 99 8.89 24.59 5.81
C PRO A 99 9.82 23.52 5.26
N PHE A 100 9.87 22.39 5.96
CA PHE A 100 10.48 21.19 5.45
C PHE A 100 9.61 20.75 4.28
N THR A 101 10.23 20.40 3.15
CA THR A 101 9.50 20.02 1.94
C THR A 101 10.02 18.72 1.37
N PHE A 102 9.13 17.97 0.71
CA PHE A 102 9.50 16.73 0.04
C PHE A 102 9.37 16.88 -1.47
N GLY A 103 10.16 16.10 -2.19
CA GLY A 103 10.02 15.98 -3.64
C GLY A 103 8.83 15.12 -4.04
N SER A 104 8.56 15.10 -5.33
CA SER A 104 7.35 14.52 -5.88
C SER A 104 7.34 12.99 -5.83
N GLY A 105 8.52 12.37 -5.85
CA GLY A 105 8.62 10.91 -5.80
C GLY A 105 9.14 10.30 -7.10
N THR A 106 9.87 9.20 -6.99
CA THR A 106 10.45 8.53 -8.14
C THR A 106 10.40 7.02 -7.94
N LYS A 107 9.68 6.33 -8.82
CA LYS A 107 9.46 4.89 -8.66
C LYS A 107 10.46 4.06 -9.46
N LEU A 108 11.07 3.09 -8.77
CA LEU A 108 12.02 2.20 -9.41
C LEU A 108 11.35 0.87 -9.78
N GLU A 109 11.11 0.69 -11.07
CA GLU A 109 10.77 -0.60 -11.62
C GLU A 109 12.05 -1.41 -11.72
N ILE A 110 12.06 -2.63 -11.19
CA ILE A 110 13.16 -3.55 -11.48
C ILE A 110 12.80 -4.24 -12.78
N LYS A 111 13.64 -4.07 -13.79
CA LYS A 111 13.45 -4.77 -15.07
C LYS A 111 14.00 -6.17 -14.96
N ARG A 112 13.20 -7.10 -15.45
CA ARG A 112 13.35 -8.51 -15.15
C ARG A 112 12.74 -9.28 -16.34
N ALA A 113 13.15 -10.53 -16.52
CA ALA A 113 12.74 -11.32 -17.68
C ALA A 113 11.22 -11.42 -17.82
N ASP A 114 10.72 -11.45 -19.06
CA ASP A 114 9.31 -11.63 -19.29
C ASP A 114 8.79 -12.86 -18.58
N ALA A 115 7.55 -12.80 -18.10
CA ALA A 115 6.96 -13.90 -17.34
C ALA A 115 5.43 -13.92 -17.48
N ALA A 116 4.88 -15.11 -17.72
CA ALA A 116 3.46 -15.29 -17.94
C ALA A 116 2.68 -15.25 -16.63
N PRO A 117 1.44 -14.71 -16.68
CA PRO A 117 0.53 -14.78 -15.54
C PRO A 117 -0.04 -16.19 -15.35
N THR A 118 -0.12 -16.60 -14.08
CA THR A 118 -0.85 -17.80 -13.70
C THR A 118 -2.26 -17.31 -13.41
N VAL A 119 -3.21 -17.70 -14.25
CA VAL A 119 -4.59 -17.21 -14.09
C VAL A 119 -5.53 -18.30 -13.57
N SER A 120 -6.47 -17.90 -12.72
CA SER A 120 -7.45 -18.82 -12.14
C SER A 120 -8.79 -18.11 -11.93
N ILE A 121 -9.86 -18.72 -12.41
CA ILE A 121 -11.21 -18.20 -12.23
C ILE A 121 -11.88 -18.87 -11.02
N PHE A 122 -12.85 -18.17 -10.42
CA PHE A 122 -13.60 -18.66 -9.27
C PHE A 122 -15.06 -18.24 -9.38
N PRO A 123 -15.99 -19.20 -9.24
CA PRO A 123 -17.43 -18.95 -9.26
C PRO A 123 -17.82 -18.19 -8.02
N PRO A 124 -19.04 -17.64 -7.99
CA PRO A 124 -19.51 -16.98 -6.77
C PRO A 124 -19.72 -17.96 -5.62
N SER A 125 -19.58 -17.47 -4.39
CA SER A 125 -19.79 -18.29 -3.20
C SER A 125 -21.28 -18.48 -2.94
N SER A 126 -21.64 -19.67 -2.44
CA SER A 126 -23.03 -20.02 -2.14
C SER A 126 -23.65 -19.05 -1.14
N GLU A 127 -22.79 -18.42 -0.36
CA GLU A 127 -23.17 -17.54 0.73
C GLU A 127 -23.56 -16.15 0.25
N GLN A 128 -22.81 -15.64 -0.72
CA GLN A 128 -23.09 -14.35 -1.32
C GLN A 128 -24.39 -14.45 -2.10
N LEU A 129 -24.53 -15.56 -2.81
CA LEU A 129 -25.74 -15.84 -3.56
C LEU A 129 -27.00 -15.70 -2.69
N THR A 130 -26.91 -16.18 -1.45
CA THR A 130 -27.99 -16.09 -0.47
C THR A 130 -28.51 -14.65 -0.26
N SER A 131 -27.67 -13.65 -0.53
CA SER A 131 -28.04 -12.26 -0.33
C SER A 131 -28.10 -11.44 -1.64
N GLY A 132 -28.68 -12.05 -2.68
CA GLY A 132 -29.01 -11.32 -3.91
C GLY A 132 -27.89 -10.93 -4.85
N GLY A 133 -26.64 -11.11 -4.44
CA GLY A 133 -25.47 -10.73 -5.25
C GLY A 133 -24.55 -11.88 -5.67
N ALA A 134 -23.77 -11.67 -6.73
CA ALA A 134 -22.88 -12.73 -7.25
C ALA A 134 -21.59 -12.18 -7.85
N SER A 135 -20.47 -12.49 -7.20
CA SER A 135 -19.15 -12.09 -7.68
C SER A 135 -18.32 -13.24 -8.24
N VAL A 136 -17.81 -13.04 -9.45
CA VAL A 136 -16.94 -14.01 -10.11
C VAL A 136 -15.55 -13.41 -10.14
N VAL A 137 -14.57 -14.10 -9.57
CA VAL A 137 -13.23 -13.50 -9.39
C VAL A 137 -12.19 -14.19 -10.26
N CYS A 138 -11.27 -13.40 -10.78
CA CYS A 138 -10.18 -13.94 -11.57
C CYS A 138 -8.82 -13.47 -11.08
N PHE A 139 -7.90 -14.41 -10.91
CA PHE A 139 -6.55 -14.09 -10.46
C PHE A 139 -5.54 -14.26 -11.57
N LEU A 140 -4.83 -13.19 -11.90
CA LEU A 140 -3.72 -13.25 -12.84
C LEU A 140 -2.44 -12.95 -12.08
N ASN A 141 -1.79 -14.01 -11.56
CA ASN A 141 -0.66 -13.82 -10.64
C ASN A 141 0.73 -13.91 -11.25
N ASN A 142 1.67 -13.27 -10.56
CA ASN A 142 3.11 -13.33 -10.85
C ASN A 142 3.58 -13.10 -12.29
N PHE A 143 3.12 -12.02 -12.91
CA PHE A 143 3.55 -11.71 -14.28
C PHE A 143 4.55 -10.54 -14.38
N TYR A 144 5.19 -10.45 -15.55
CA TYR A 144 5.99 -9.29 -15.92
C TYR A 144 5.96 -9.14 -17.44
N PRO A 145 5.83 -7.89 -17.96
CA PRO A 145 5.75 -6.58 -17.27
C PRO A 145 4.36 -6.25 -16.73
N LYS A 146 4.22 -5.08 -16.10
CA LYS A 146 2.97 -4.66 -15.45
C LYS A 146 1.76 -4.70 -16.37
N ASP A 147 1.99 -4.48 -17.67
CA ASP A 147 0.92 -4.31 -18.66
C ASP A 147 0.19 -5.62 -18.95
N ILE A 148 -1.14 -5.58 -18.79
CA ILE A 148 -1.99 -6.76 -18.91
C ILE A 148 -3.42 -6.31 -19.16
N ASN A 149 -4.23 -7.19 -19.72
CA ASN A 149 -5.62 -6.88 -19.95
C ASN A 149 -6.51 -8.10 -19.72
N VAL A 150 -7.64 -7.87 -19.04
CA VAL A 150 -8.59 -8.93 -18.74
C VAL A 150 -9.95 -8.66 -19.39
N LYS A 151 -10.41 -9.62 -20.19
CA LYS A 151 -11.73 -9.56 -20.82
C LYS A 151 -12.64 -10.60 -20.19
N TRP A 152 -13.81 -10.16 -19.74
CA TRP A 152 -14.83 -11.07 -19.22
C TRP A 152 -15.83 -11.45 -20.32
N LYS A 153 -16.17 -12.73 -20.39
CA LYS A 153 -17.16 -13.23 -21.34
C LYS A 153 -18.29 -14.01 -20.67
N ILE A 154 -19.51 -13.51 -20.80
CA ILE A 154 -20.70 -14.21 -20.29
C ILE A 154 -21.45 -14.84 -21.47
N ASP A 155 -21.32 -16.17 -21.57
CA ASP A 155 -21.66 -16.94 -22.77
C ASP A 155 -20.80 -16.49 -23.97
N GLY A 156 -21.42 -16.21 -25.11
CA GLY A 156 -20.66 -15.77 -26.28
C GLY A 156 -20.52 -14.26 -26.39
N SER A 157 -20.62 -13.56 -25.26
CA SER A 157 -20.73 -12.10 -25.29
C SER A 157 -19.72 -11.44 -24.36
N GLU A 158 -19.26 -10.25 -24.74
CA GLU A 158 -18.37 -9.46 -23.89
C GLU A 158 -19.16 -8.64 -22.87
N ARG A 159 -18.63 -8.56 -21.65
CA ARG A 159 -19.32 -7.93 -20.53
C ARG A 159 -18.51 -6.82 -19.85
N GLN A 160 -18.86 -5.57 -20.17
CA GLN A 160 -18.34 -4.40 -19.47
C GLN A 160 -19.40 -3.63 -18.68
N ASN A 161 -19.50 -3.92 -17.38
CA ASN A 161 -20.40 -3.17 -16.51
C ASN A 161 -19.94 -3.10 -15.05
N GLY A 162 -19.91 -4.24 -14.37
CA GLY A 162 -19.52 -4.29 -12.97
C GLY A 162 -18.16 -4.92 -12.77
N VAL A 163 -17.15 -4.42 -13.51
CA VAL A 163 -15.80 -4.96 -13.44
C VAL A 163 -14.86 -4.08 -12.61
N LEU A 164 -14.21 -4.71 -11.64
CA LEU A 164 -13.35 -4.04 -10.66
C LEU A 164 -11.94 -4.68 -10.64
N ASN A 165 -10.92 -3.91 -11.02
CA ASN A 165 -9.54 -4.42 -11.08
C ASN A 165 -8.60 -3.90 -9.99
N SER A 166 -7.55 -4.66 -9.68
CA SER A 166 -6.61 -4.30 -8.62
C SER A 166 -5.20 -4.89 -8.85
N TRP A 167 -4.18 -4.07 -8.68
CA TRP A 167 -2.80 -4.46 -8.97
C TRP A 167 -1.93 -4.38 -7.73
N THR A 168 -1.04 -5.35 -7.57
CA THR A 168 -0.07 -5.31 -6.49
C THR A 168 1.11 -4.44 -6.89
N ASP A 169 1.83 -3.97 -5.87
CA ASP A 169 3.12 -3.33 -6.09
C ASP A 169 4.09 -4.39 -6.59
N GLN A 170 5.11 -3.95 -7.31
CA GLN A 170 6.11 -4.89 -7.83
C GLN A 170 6.64 -5.70 -6.65
N ASP A 171 6.77 -7.00 -6.85
CA ASP A 171 7.24 -7.89 -5.81
C ASP A 171 8.73 -7.73 -5.49
N SER A 172 9.06 -7.77 -4.20
CA SER A 172 10.41 -7.50 -3.70
C SER A 172 11.45 -8.62 -3.87
N LYS A 173 10.99 -9.86 -3.98
CA LYS A 173 11.92 -11.01 -4.02
C LYS A 173 12.13 -11.49 -5.47
N ASP A 174 11.07 -11.98 -6.11
CA ASP A 174 11.03 -12.05 -7.57
C ASP A 174 10.54 -10.66 -7.97
N SER A 175 10.52 -10.30 -9.25
CA SER A 175 10.15 -8.92 -9.56
C SER A 175 8.81 -8.77 -10.28
N THR A 176 7.83 -9.57 -9.86
CA THR A 176 6.59 -9.73 -10.62
C THR A 176 5.42 -8.88 -10.11
N TYR A 177 4.40 -8.76 -10.95
CA TYR A 177 3.17 -8.10 -10.59
C TYR A 177 2.06 -9.14 -10.54
N SER A 178 0.97 -8.80 -9.86
CA SER A 178 -0.20 -9.63 -9.84
C SER A 178 -1.44 -8.75 -9.89
N MET A 179 -2.50 -9.26 -10.49
CA MET A 179 -3.71 -8.50 -10.72
C MET A 179 -4.89 -9.34 -10.23
N SER A 180 -6.01 -8.67 -10.00
CA SER A 180 -7.23 -9.30 -9.52
C SER A 180 -8.42 -8.55 -10.13
N SER A 181 -9.31 -9.29 -10.80
CA SER A 181 -10.46 -8.69 -11.46
C SER A 181 -11.75 -9.31 -10.93
N THR A 182 -12.70 -8.47 -10.52
CA THR A 182 -13.95 -8.93 -9.94
C THR A 182 -15.19 -8.43 -10.69
N LEU A 183 -15.85 -9.34 -11.38
CA LEU A 183 -17.10 -9.05 -12.06
C LEU A 183 -18.26 -9.28 -11.09
N THR A 184 -19.05 -8.22 -10.84
CA THR A 184 -20.11 -8.26 -9.84
C THR A 184 -21.48 -8.05 -10.46
N LEU A 185 -22.21 -9.15 -10.64
CA LEU A 185 -23.56 -9.12 -11.19
C LEU A 185 -24.58 -9.31 -10.06
N THR A 186 -25.86 -9.15 -10.39
CA THR A 186 -26.94 -9.55 -9.48
C THR A 186 -27.15 -11.04 -9.62
N LYS A 187 -27.75 -11.65 -8.59
CA LYS A 187 -28.05 -13.09 -8.57
C LYS A 187 -28.90 -13.49 -9.77
N ASP A 188 -29.93 -12.70 -10.06
CA ASP A 188 -30.87 -12.95 -11.16
C ASP A 188 -30.17 -13.25 -12.46
N GLU A 189 -29.28 -12.33 -12.88
CA GLU A 189 -28.64 -12.46 -14.17
C GLU A 189 -27.40 -13.34 -14.13
N TYR A 190 -26.93 -13.68 -12.93
CA TYR A 190 -25.94 -14.73 -12.83
C TYR A 190 -26.61 -16.04 -13.23
N GLU A 191 -27.85 -16.21 -12.79
CA GLU A 191 -28.58 -17.45 -12.99
C GLU A 191 -29.14 -17.64 -14.39
N ARG A 192 -29.45 -16.55 -15.09
CA ARG A 192 -29.97 -16.66 -16.46
C ARG A 192 -28.89 -16.78 -17.55
N HIS A 193 -27.64 -16.92 -17.12
CA HIS A 193 -26.52 -17.19 -18.03
C HIS A 193 -25.66 -18.29 -17.43
N ASN A 194 -24.83 -18.91 -18.25
CA ASN A 194 -24.24 -20.18 -17.88
C ASN A 194 -22.70 -20.26 -17.95
N SER A 195 -22.13 -19.81 -19.06
CA SER A 195 -20.69 -19.92 -19.32
C SER A 195 -19.95 -18.65 -18.87
N TYR A 196 -18.85 -18.83 -18.14
CA TYR A 196 -18.10 -17.71 -17.57
C TYR A 196 -16.60 -17.75 -17.86
N THR A 197 -16.17 -16.87 -18.75
CA THR A 197 -14.79 -16.82 -19.23
C THR A 197 -14.01 -15.65 -18.62
N CYS A 198 -12.77 -15.92 -18.21
CA CYS A 198 -11.82 -14.89 -17.82
C CYS A 198 -10.67 -14.91 -18.81
N GLU A 199 -10.58 -13.86 -19.62
CA GLU A 199 -9.66 -13.86 -20.75
C GLU A 199 -8.51 -12.88 -20.55
N ALA A 200 -7.29 -13.40 -20.45
CA ALA A 200 -6.12 -12.59 -20.11
C ALA A 200 -5.13 -12.44 -21.26
N THR A 201 -5.05 -11.24 -21.83
CA THR A 201 -4.06 -10.93 -22.86
C THR A 201 -2.81 -10.33 -22.21
N HIS A 202 -1.65 -10.85 -22.61
CA HIS A 202 -0.37 -10.39 -22.08
C HIS A 202 0.73 -10.54 -23.13
N LYS A 203 1.84 -9.85 -22.89
CA LYS A 203 2.99 -9.76 -23.80
C LYS A 203 3.59 -11.13 -24.12
N THR A 204 3.62 -12.02 -23.12
CA THR A 204 4.29 -13.32 -23.20
C THR A 204 3.60 -14.34 -24.12
N SER A 205 2.42 -13.98 -24.62
CA SER A 205 1.60 -14.91 -25.38
C SER A 205 0.81 -14.20 -26.50
N THR A 206 0.72 -14.85 -27.65
CA THR A 206 0.00 -14.30 -28.79
C THR A 206 -1.50 -14.50 -28.68
N SER A 207 -1.92 -15.63 -28.09
CA SER A 207 -3.36 -15.87 -27.86
C SER A 207 -3.74 -15.63 -26.38
N PRO A 208 -4.99 -15.18 -26.12
CA PRO A 208 -5.39 -14.94 -24.74
C PRO A 208 -5.44 -16.22 -23.90
N ILE A 209 -4.83 -16.17 -22.73
CA ILE A 209 -4.92 -17.24 -21.74
C ILE A 209 -6.34 -17.24 -21.18
N VAL A 210 -7.02 -18.38 -21.32
CA VAL A 210 -8.44 -18.49 -20.96
C VAL A 210 -8.67 -19.50 -19.83
N LYS A 211 -9.37 -19.04 -18.79
CA LYS A 211 -9.94 -19.93 -17.78
C LYS A 211 -11.44 -19.72 -17.81
N SER A 212 -12.18 -20.81 -17.65
CA SER A 212 -13.63 -20.75 -17.73
C SER A 212 -14.27 -21.67 -16.69
N PHE A 213 -15.54 -21.42 -16.39
CA PHE A 213 -16.33 -22.39 -15.63
C PHE A 213 -17.77 -22.38 -16.10
N ASN A 214 -18.35 -23.56 -16.21
CA ASN A 214 -19.76 -23.69 -16.49
C ASN A 214 -20.49 -23.68 -15.16
N ARG A 215 -21.64 -23.02 -15.12
CA ARG A 215 -22.40 -22.86 -13.88
C ARG A 215 -22.94 -24.20 -13.31
N ASN A 216 -22.95 -25.23 -14.14
CA ASN A 216 -23.56 -26.53 -13.79
C ASN A 216 -22.68 -27.48 -12.97
N GLU A 217 -21.59 -26.97 -12.40
CA GLU A 217 -20.73 -27.77 -11.52
C GLU A 217 -20.53 -27.14 -10.13
N CYS A 218 -21.46 -27.44 -9.22
CA CYS A 218 -21.44 -26.99 -7.83
C CYS A 218 -20.36 -27.72 -7.03
N GLU B 1 15.09 -1.86 19.04
CA GLU B 1 15.89 -0.69 19.52
C GLU B 1 15.00 0.56 19.66
N VAL B 2 15.35 1.64 18.95
CA VAL B 2 14.52 2.85 18.84
C VAL B 2 13.19 2.46 18.19
N GLN B 3 12.08 2.91 18.80
CA GLN B 3 10.73 2.54 18.33
C GLN B 3 9.76 3.74 18.37
N LEU B 4 8.90 3.85 17.35
CA LEU B 4 7.75 4.76 17.40
C LEU B 4 6.47 3.98 17.09
N VAL B 5 5.60 3.85 18.08
CA VAL B 5 4.34 3.13 17.87
C VAL B 5 3.16 4.09 17.83
N GLN B 6 2.51 4.11 16.67
CA GLN B 6 1.44 5.04 16.39
C GLN B 6 0.09 4.44 16.70
N SER B 7 -0.84 5.28 17.17
CA SER B 7 -2.23 4.87 17.39
C SER B 7 -3.17 6.07 17.32
N GLY B 8 -4.45 5.80 17.05
CA GLY B 8 -5.47 6.83 17.04
C GLY B 8 -6.30 6.95 15.76
N GLY B 9 -5.77 6.44 14.65
CA GLY B 9 -6.43 6.59 13.34
C GLY B 9 -7.78 5.89 13.20
N GLY B 10 -8.69 6.49 12.44
CA GLY B 10 -10.00 5.91 12.18
C GLY B 10 -10.88 6.86 11.40
N LEU B 11 -12.11 6.42 11.12
CA LEU B 11 -13.12 7.24 10.44
C LEU B 11 -13.55 8.42 11.30
N VAL B 12 -13.60 9.61 10.70
CA VAL B 12 -14.19 10.79 11.34
C VAL B 12 -15.07 11.55 10.35
N GLN B 13 -16.16 12.14 10.85
CA GLN B 13 -17.07 12.96 10.03
C GLN B 13 -16.43 14.31 9.71
N PRO B 14 -16.69 14.85 8.50
CA PRO B 14 -16.12 16.16 8.18
C PRO B 14 -16.46 17.21 9.25
N LYS B 15 -15.52 18.10 9.53
CA LYS B 15 -15.60 19.11 10.62
C LYS B 15 -15.32 18.53 12.01
N GLY B 16 -15.22 17.20 12.10
CA GLY B 16 -14.93 16.54 13.38
C GLY B 16 -13.49 16.77 13.82
N SER B 17 -13.10 16.12 14.92
CA SER B 17 -11.71 16.15 15.36
C SER B 17 -11.19 14.78 15.81
N LEU B 18 -9.86 14.65 15.90
CA LEU B 18 -9.19 13.41 16.26
C LEU B 18 -7.81 13.68 16.83
N LYS B 19 -7.42 12.93 17.85
CA LYS B 19 -6.06 12.97 18.37
C LYS B 19 -5.31 11.68 18.05
N LEU B 20 -4.14 11.83 17.45
CA LEU B 20 -3.25 10.71 17.18
C LEU B 20 -2.13 10.70 18.22
N SER B 21 -1.68 9.51 18.59
CA SER B 21 -0.58 9.36 19.54
C SER B 21 0.60 8.64 18.89
N CYS B 22 1.79 8.91 19.40
CA CYS B 22 3.00 8.25 18.93
C CYS B 22 3.86 7.92 20.13
N ALA B 23 3.87 6.62 20.48
CA ALA B 23 4.60 6.10 21.65
C ALA B 23 6.06 5.86 21.30
N ALA B 24 6.95 6.53 22.03
CA ALA B 24 8.38 6.44 21.78
C ALA B 24 9.08 5.65 22.87
N SER B 25 10.17 4.97 22.49
CA SER B 25 10.98 4.15 23.39
C SER B 25 12.32 3.84 22.73
N GLY B 26 13.38 3.68 23.54
CA GLY B 26 14.68 3.28 23.02
C GLY B 26 15.71 4.39 22.89
N PHE B 27 15.29 5.62 23.16
CA PHE B 27 16.20 6.77 23.08
C PHE B 27 15.79 7.82 24.11
N ASN B 28 16.66 8.79 24.35
CA ASN B 28 16.32 9.88 25.26
C ASN B 28 15.38 10.86 24.54
N PHE B 29 14.08 10.63 24.71
CA PHE B 29 13.00 11.36 24.03
C PHE B 29 13.10 12.86 24.18
N ASN B 30 13.36 13.32 25.40
CA ASN B 30 13.34 14.75 25.73
C ASN B 30 14.42 15.62 25.07
N THR B 31 15.24 15.01 24.22
CA THR B 31 16.31 15.74 23.52
C THR B 31 15.98 16.07 22.06
N TYR B 32 15.15 15.24 21.44
CA TYR B 32 14.90 15.28 20.00
C TYR B 32 13.66 16.07 19.60
N ALA B 33 13.78 16.83 18.51
CA ALA B 33 12.61 17.40 17.84
C ALA B 33 11.80 16.26 17.22
N MET B 34 10.48 16.42 17.20
CA MET B 34 9.60 15.42 16.62
C MET B 34 8.77 16.01 15.49
N HIS B 35 8.33 15.16 14.56
CA HIS B 35 7.64 15.61 13.37
C HIS B 35 6.44 14.76 13.05
N TRP B 36 5.46 15.37 12.40
CA TRP B 36 4.39 14.62 11.76
C TRP B 36 4.44 14.81 10.24
N VAL B 37 4.07 13.77 9.52
CA VAL B 37 3.99 13.81 8.05
C VAL B 37 2.73 13.08 7.65
N ARG B 38 2.13 13.51 6.55
CA ARG B 38 0.96 12.81 5.99
C ARG B 38 1.22 12.34 4.57
N GLN B 39 0.38 11.42 4.11
CA GLN B 39 0.47 10.86 2.77
C GLN B 39 -0.88 10.29 2.38
N ALA B 40 -1.55 11.00 1.48
CA ALA B 40 -2.85 10.59 0.99
C ALA B 40 -2.70 9.33 0.15
N PRO B 41 -3.76 8.49 0.10
CA PRO B 41 -3.68 7.25 -0.67
C PRO B 41 -3.16 7.48 -2.08
N GLY B 42 -2.06 6.80 -2.42
CA GLY B 42 -1.45 6.89 -3.73
C GLY B 42 -0.80 8.23 -4.08
N LYS B 43 -0.27 8.92 -3.06
CA LYS B 43 0.34 10.23 -3.28
C LYS B 43 1.70 10.39 -2.59
N GLY B 44 2.20 11.61 -2.54
CA GLY B 44 3.50 11.88 -1.95
C GLY B 44 3.45 12.20 -0.47
N LEU B 45 4.63 12.45 0.09
CA LEU B 45 4.76 12.74 1.50
C LEU B 45 4.68 14.25 1.68
N GLU B 46 3.91 14.68 2.67
CA GLU B 46 3.79 16.10 2.97
C GLU B 46 4.08 16.33 4.43
N TRP B 47 4.82 17.39 4.70
CA TRP B 47 5.19 17.75 6.04
C TRP B 47 4.00 18.39 6.73
N ILE B 48 3.80 18.04 7.99
CA ILE B 48 2.72 18.64 8.77
C ILE B 48 3.26 19.69 9.72
N GLY B 49 4.24 19.31 10.54
CA GLY B 49 4.81 20.24 11.51
C GLY B 49 5.81 19.60 12.44
N ARG B 50 6.51 20.44 13.19
CA ARG B 50 7.52 19.98 14.12
C ARG B 50 7.28 20.52 15.53
N ILE B 51 7.61 19.71 16.52
CA ILE B 51 7.73 20.16 17.91
C ILE B 51 9.17 19.93 18.38
N ARG B 52 9.77 20.98 18.92
CA ARG B 52 11.17 20.95 19.33
C ARG B 52 11.35 20.47 20.78
N SER B 53 12.59 20.57 21.25
CA SER B 53 13.02 20.06 22.55
C SER B 53 12.62 20.96 23.71
N LYS B 54 12.70 20.40 24.92
CA LYS B 54 12.60 21.16 26.16
C LYS B 54 13.48 22.41 26.12
N SER B 55 14.69 22.24 25.60
CA SER B 55 15.67 23.33 25.56
C SER B 55 15.28 24.42 24.56
N HIS B 56 14.34 24.10 23.68
CA HIS B 56 13.83 25.10 22.75
C HIS B 56 12.37 25.45 23.02
N ASN B 57 12.00 25.38 24.30
CA ASN B 57 10.70 25.82 24.79
C ASN B 57 9.53 25.14 24.08
N TYR B 58 9.75 23.89 23.66
CA TYR B 58 8.70 23.08 23.02
C TYR B 58 8.14 23.79 21.79
N ALA B 59 9.01 24.51 21.08
CA ALA B 59 8.59 25.35 19.96
C ALA B 59 7.92 24.51 18.88
N THR B 60 6.87 25.06 18.30
CA THR B 60 6.09 24.33 17.33
C THR B 60 6.04 25.09 16.01
N ASP B 61 6.00 24.37 14.90
CA ASP B 61 5.94 24.97 13.57
C ASP B 61 5.14 24.08 12.62
N TYR B 62 4.26 24.67 11.83
CA TYR B 62 3.36 23.91 10.93
C TYR B 62 3.40 24.35 9.47
N ALA B 63 3.17 23.40 8.56
CA ALA B 63 2.88 23.71 7.17
C ALA B 63 1.58 24.52 7.14
N ASP B 64 1.57 25.59 6.35
CA ASP B 64 0.46 26.55 6.37
C ASP B 64 -0.99 25.99 6.23
N PRO B 65 -1.24 25.09 5.26
CA PRO B 65 -2.58 24.46 5.12
C PRO B 65 -3.24 23.90 6.40
N VAL B 66 -2.49 23.79 7.49
CA VAL B 66 -3.02 23.25 8.75
C VAL B 66 -2.75 24.17 9.93
N LYS B 67 -2.19 25.35 9.62
CA LYS B 67 -1.69 26.33 10.60
C LYS B 67 -2.61 26.56 11.82
N ASP B 68 -3.91 26.75 11.55
CA ASP B 68 -4.87 27.06 12.62
C ASP B 68 -5.73 25.88 13.08
N ARG B 69 -5.52 24.70 12.51
CA ARG B 69 -6.40 23.56 12.78
C ARG B 69 -5.74 22.44 13.57
N PHE B 70 -4.41 22.34 13.49
CA PHE B 70 -3.66 21.21 14.04
C PHE B 70 -2.79 21.65 15.21
N THR B 71 -2.61 20.76 16.17
CA THR B 71 -1.77 21.06 17.32
C THR B 71 -0.87 19.86 17.60
N ILE B 72 0.42 20.10 17.56
CA ILE B 72 1.39 19.05 17.88
C ILE B 72 1.77 19.23 19.32
N SER B 73 1.86 18.10 20.02
CA SER B 73 1.88 18.08 21.48
C SER B 73 2.85 17.01 21.98
N ARG B 74 3.34 17.17 23.20
CA ARG B 74 4.48 16.38 23.67
C ARG B 74 4.48 16.06 25.18
N ASP B 75 4.63 14.78 25.51
CA ASP B 75 4.75 14.36 26.91
C ASP B 75 6.12 13.74 27.18
N ASP B 76 7.09 14.58 27.55
CA ASP B 76 8.47 14.13 27.74
C ASP B 76 8.57 12.95 28.72
N SER B 77 8.01 13.11 29.92
CA SER B 77 8.17 12.13 31.00
C SER B 77 7.59 10.76 30.65
N GLN B 78 6.68 10.73 29.68
CA GLN B 78 6.11 9.46 29.21
C GLN B 78 6.51 9.08 27.78
N GLY B 79 7.27 9.94 27.11
CA GLY B 79 7.69 9.71 25.74
C GLY B 79 6.56 9.62 24.73
N LEU B 80 5.57 10.52 24.83
CA LEU B 80 4.45 10.52 23.90
C LEU B 80 4.40 11.78 23.04
N LEU B 81 4.02 11.58 21.78
CA LEU B 81 3.86 12.65 20.81
C LEU B 81 2.41 12.65 20.40
N TYR B 82 1.82 13.84 20.28
CA TYR B 82 0.41 13.96 19.90
C TYR B 82 0.24 14.85 18.68
N LEU B 83 -0.80 14.56 17.91
CA LEU B 83 -1.25 15.44 16.85
C LEU B 83 -2.77 15.51 16.93
N LEU B 84 -3.29 16.57 17.52
CA LEU B 84 -4.74 16.74 17.50
C LEU B 84 -5.11 17.62 16.32
N MET B 85 -5.98 17.08 15.49
CA MET B 85 -6.41 17.75 14.28
C MET B 85 -7.88 18.17 14.39
N ASN B 86 -8.12 19.47 14.41
CA ASN B 86 -9.48 19.99 14.49
C ASN B 86 -10.07 20.39 13.14
N ASN B 87 -11.40 20.47 13.09
CA ASN B 87 -12.11 20.82 11.86
C ASN B 87 -11.58 20.05 10.66
N LEU B 88 -11.77 18.73 10.68
CA LEU B 88 -11.23 17.86 9.65
C LEU B 88 -11.94 18.05 8.30
N LYS B 89 -11.24 17.70 7.22
CA LYS B 89 -11.73 17.88 5.87
C LYS B 89 -11.53 16.61 5.07
N THR B 90 -12.36 16.43 4.04
CA THR B 90 -12.17 15.37 3.05
C THR B 90 -10.70 15.19 2.63
N GLU B 91 -10.01 16.30 2.34
CA GLU B 91 -8.60 16.26 1.92
C GLU B 91 -7.62 15.77 3.00
N ASP B 92 -8.02 15.85 4.27
CA ASP B 92 -7.20 15.37 5.38
C ASP B 92 -7.09 13.85 5.45
N THR B 93 -7.87 13.16 4.62
CA THR B 93 -7.80 11.71 4.48
C THR B 93 -6.38 11.29 4.06
N ALA B 94 -5.70 10.51 4.91
CA ALA B 94 -4.32 10.12 4.64
C ALA B 94 -3.76 9.13 5.67
N MET B 95 -2.62 8.54 5.33
CA MET B 95 -1.77 7.82 6.29
C MET B 95 -0.90 8.86 7.03
N TYR B 96 -0.88 8.80 8.36
CA TYR B 96 -0.13 9.77 9.15
C TYR B 96 1.08 9.12 9.80
N TYR B 97 2.20 9.86 9.85
CA TYR B 97 3.47 9.36 10.40
C TYR B 97 4.06 10.31 11.41
N CYS B 98 4.59 9.76 12.50
CA CYS B 98 5.50 10.51 13.36
C CYS B 98 6.93 10.11 13.02
N MET B 99 7.87 11.04 13.16
CA MET B 99 9.27 10.66 13.05
C MET B 99 10.16 11.43 14.03
N ARG B 100 11.37 10.90 14.22
CA ARG B 100 12.37 11.51 15.08
C ARG B 100 13.35 12.32 14.24
N GLU B 101 13.64 13.54 14.65
CA GLU B 101 14.56 14.38 13.91
C GLU B 101 16.01 13.97 14.19
N GLY B 102 16.51 13.11 13.31
CA GLY B 102 17.90 12.67 13.37
C GLY B 102 18.89 13.69 12.86
N ILE B 103 19.96 13.18 12.25
CA ILE B 103 21.21 13.89 11.98
C ILE B 103 21.18 15.37 11.52
N TYR B 104 20.70 15.67 10.31
CA TYR B 104 20.70 17.08 9.86
C TYR B 104 19.30 17.60 9.53
N GLY B 105 18.40 17.51 10.49
CA GLY B 105 17.01 17.83 10.23
C GLY B 105 16.38 16.73 9.41
N SER B 106 17.12 15.64 9.24
CA SER B 106 16.63 14.43 8.58
C SER B 106 15.74 13.66 9.53
N PHE B 107 15.01 12.69 8.99
CA PHE B 107 14.10 11.89 9.79
C PHE B 107 14.60 10.45 9.85
N ALA B 108 15.28 10.14 10.95
CA ALA B 108 15.96 8.84 11.11
C ALA B 108 15.01 7.67 11.37
N TYR B 109 14.08 7.84 12.30
CA TYR B 109 13.13 6.78 12.65
C TYR B 109 11.70 7.25 12.42
N TRP B 110 10.88 6.33 11.92
CA TRP B 110 9.50 6.62 11.54
C TRP B 110 8.58 5.63 12.23
N GLY B 111 7.45 6.12 12.73
CA GLY B 111 6.36 5.25 13.16
C GLY B 111 5.76 4.53 11.96
N GLN B 112 5.01 3.47 12.22
CA GLN B 112 4.57 2.55 11.17
C GLN B 112 3.38 3.06 10.34
N GLY B 113 2.76 4.14 10.82
CA GLY B 113 1.61 4.77 10.16
C GLY B 113 0.26 4.42 10.77
N THR B 114 -0.66 5.39 10.74
CA THR B 114 -2.03 5.19 11.22
C THR B 114 -3.00 5.91 10.29
N LEU B 115 -3.98 5.19 9.78
CA LEU B 115 -4.85 5.74 8.75
C LEU B 115 -6.00 6.57 9.31
N VAL B 116 -6.15 7.78 8.77
CA VAL B 116 -7.25 8.67 9.15
C VAL B 116 -8.14 8.89 7.94
N THR B 117 -9.39 8.49 8.04
CA THR B 117 -10.35 8.72 6.96
C THR B 117 -11.33 9.80 7.39
N VAL B 118 -11.53 10.79 6.52
CA VAL B 118 -12.57 11.79 6.75
C VAL B 118 -13.65 11.67 5.68
N SER B 119 -14.82 11.17 6.07
CA SER B 119 -16.00 11.16 5.19
C SER B 119 -17.30 10.98 5.97
N ALA B 120 -18.43 11.20 5.29
CA ALA B 120 -19.75 11.08 5.92
C ALA B 120 -20.29 9.65 5.82
N ALA B 121 -19.67 8.85 4.96
CA ALA B 121 -20.05 7.43 4.81
C ALA B 121 -20.01 6.70 6.16
N LYS B 122 -20.83 5.67 6.30
CA LYS B 122 -20.91 4.97 7.57
C LYS B 122 -20.06 3.71 7.62
N THR B 123 -19.54 3.45 8.81
CA THR B 123 -18.67 2.31 9.07
C THR B 123 -19.43 1.00 8.94
N THR B 124 -18.98 0.13 8.03
CA THR B 124 -19.71 -1.06 7.58
C THR B 124 -18.82 -2.33 7.59
N PRO B 125 -19.26 -3.40 8.30
CA PRO B 125 -18.50 -4.66 8.33
C PRO B 125 -18.48 -5.39 6.97
N PRO B 126 -17.41 -6.18 6.70
CA PRO B 126 -17.28 -6.85 5.42
C PRO B 126 -17.99 -8.19 5.39
N SER B 127 -18.31 -8.67 4.19
CA SER B 127 -18.78 -10.02 4.01
C SER B 127 -17.65 -10.83 3.41
N VAL B 128 -17.08 -11.73 4.21
CA VAL B 128 -15.96 -12.56 3.77
C VAL B 128 -16.50 -13.75 3.00
N TYR B 129 -16.09 -13.87 1.74
CA TYR B 129 -16.52 -14.95 0.87
C TYR B 129 -15.35 -15.83 0.43
N PRO B 130 -15.56 -17.15 0.37
CA PRO B 130 -14.53 -18.08 -0.12
C PRO B 130 -14.41 -18.11 -1.66
N LEU B 131 -13.20 -18.38 -2.12
CA LEU B 131 -12.93 -18.58 -3.54
C LEU B 131 -12.35 -19.96 -3.71
N ALA B 132 -13.23 -20.87 -4.14
CA ALA B 132 -12.86 -22.26 -4.38
C ALA B 132 -12.93 -22.54 -5.88
N PRO B 133 -12.00 -23.36 -6.40
CA PRO B 133 -12.02 -23.68 -7.83
C PRO B 133 -13.28 -24.44 -8.21
N GLY B 134 -13.79 -24.18 -9.41
CA GLY B 134 -14.99 -24.85 -9.94
C GLY B 134 -14.84 -26.36 -9.99
N SER B 135 -15.92 -27.05 -9.67
CA SER B 135 -15.92 -28.52 -9.47
C SER B 135 -15.27 -29.33 -10.61
N ALA B 136 -15.56 -28.96 -11.86
CA ALA B 136 -15.05 -29.70 -13.02
C ALA B 136 -13.79 -29.05 -13.63
N ALA B 137 -12.82 -28.73 -12.77
CA ALA B 137 -11.55 -28.16 -13.21
C ALA B 137 -10.44 -29.19 -13.13
N GLN B 138 -9.61 -29.24 -14.16
CA GLN B 138 -8.49 -30.20 -14.23
C GLN B 138 -7.31 -29.73 -13.37
N THR B 139 -6.53 -30.69 -12.88
CA THR B 139 -5.40 -30.40 -11.97
C THR B 139 -4.19 -29.82 -12.71
N ASN B 140 -3.26 -29.27 -11.94
CA ASN B 140 -2.01 -28.72 -12.45
C ASN B 140 -0.94 -28.58 -11.35
N SER B 141 -0.73 -29.67 -10.59
CA SER B 141 0.33 -29.75 -9.56
C SER B 141 0.19 -28.78 -8.37
N MET B 142 -0.42 -27.63 -8.63
CA MET B 142 -0.71 -26.65 -7.59
C MET B 142 -2.11 -26.08 -7.74
N VAL B 143 -2.72 -25.72 -6.62
CA VAL B 143 -4.06 -25.12 -6.63
C VAL B 143 -3.98 -23.72 -6.06
N THR B 144 -4.77 -22.81 -6.61
CA THR B 144 -4.93 -21.49 -6.00
C THR B 144 -6.32 -21.33 -5.38
N LEU B 145 -6.34 -20.81 -4.16
CA LEU B 145 -7.58 -20.50 -3.45
C LEU B 145 -7.55 -19.02 -3.10
N GLY B 146 -8.66 -18.51 -2.57
CA GLY B 146 -8.71 -17.12 -2.16
C GLY B 146 -9.85 -16.71 -1.24
N CYS B 147 -9.86 -15.41 -0.91
CA CYS B 147 -10.96 -14.81 -0.17
C CYS B 147 -11.38 -13.49 -0.79
N LEU B 148 -12.67 -13.19 -0.68
CA LEU B 148 -13.19 -11.93 -1.14
C LEU B 148 -13.79 -11.21 0.05
N VAL B 149 -13.27 -10.02 0.32
CA VAL B 149 -13.77 -9.17 1.38
C VAL B 149 -14.50 -8.01 0.71
N LYS B 150 -15.83 -8.05 0.74
CA LYS B 150 -16.64 -7.11 -0.02
C LYS B 150 -17.57 -6.27 0.85
N GLY B 151 -17.84 -5.04 0.40
CA GLY B 151 -18.79 -4.13 1.05
C GLY B 151 -18.40 -3.62 2.44
N TYR B 152 -17.21 -3.02 2.57
CA TYR B 152 -16.74 -2.55 3.88
C TYR B 152 -16.20 -1.11 3.89
N PHE B 153 -16.20 -0.51 5.08
CA PHE B 153 -15.78 0.87 5.27
C PHE B 153 -15.45 1.15 6.74
N PRO B 154 -14.33 1.86 7.00
CA PRO B 154 -13.33 2.26 6.01
C PRO B 154 -12.20 1.22 5.93
N GLU B 155 -11.08 1.60 5.32
CA GLU B 155 -9.85 0.83 5.44
C GLU B 155 -9.37 1.04 6.88
N PRO B 156 -8.50 0.13 7.39
CA PRO B 156 -7.91 -1.06 6.78
C PRO B 156 -8.66 -2.37 7.07
N VAL B 157 -8.16 -3.44 6.48
CA VAL B 157 -8.42 -4.80 6.94
C VAL B 157 -7.08 -5.51 6.96
N THR B 158 -6.99 -6.63 7.67
CA THR B 158 -5.80 -7.47 7.58
C THR B 158 -6.24 -8.87 7.16
N VAL B 159 -5.45 -9.50 6.28
CA VAL B 159 -5.72 -10.87 5.87
C VAL B 159 -4.49 -11.74 6.10
N THR B 160 -4.68 -12.87 6.75
CA THR B 160 -3.62 -13.86 6.93
C THR B 160 -4.21 -15.19 6.54
N TRP B 161 -3.35 -16.17 6.25
CA TRP B 161 -3.82 -17.52 5.97
C TRP B 161 -3.28 -18.47 7.03
N ASN B 162 -4.17 -19.32 7.54
CA ASN B 162 -3.91 -20.18 8.71
C ASN B 162 -3.21 -19.45 9.86
N SER B 163 -3.82 -18.34 10.29
CA SER B 163 -3.35 -17.55 11.42
C SER B 163 -1.95 -16.95 11.25
N GLY B 164 -1.35 -17.16 10.08
CA GLY B 164 0.01 -16.69 9.82
C GLY B 164 0.92 -17.78 9.26
N SER B 165 0.45 -19.03 9.32
CA SER B 165 1.23 -20.21 8.93
C SER B 165 1.49 -20.32 7.42
N LEU B 166 0.58 -19.76 6.63
CA LEU B 166 0.83 -19.58 5.19
C LEU B 166 1.10 -18.11 4.92
N SER B 167 2.37 -17.83 4.60
CA SER B 167 2.80 -16.47 4.31
C SER B 167 3.54 -16.46 2.98
N SER B 168 3.60 -17.61 2.34
CA SER B 168 4.33 -17.77 1.08
C SER B 168 3.94 -17.29 -0.31
N GLY B 169 2.83 -17.80 -0.85
CA GLY B 169 2.40 -17.51 -2.22
C GLY B 169 1.15 -16.66 -2.04
N VAL B 170 1.22 -15.71 -1.11
CA VAL B 170 0.09 -14.88 -0.76
C VAL B 170 0.11 -13.60 -1.58
N HIS B 171 -1.06 -13.21 -2.08
CA HIS B 171 -1.26 -11.92 -2.74
C HIS B 171 -2.51 -11.24 -2.21
N THR B 172 -2.33 -10.32 -1.28
CA THR B 172 -3.43 -9.54 -0.75
C THR B 172 -3.48 -8.21 -1.49
N PHE B 173 -4.46 -8.07 -2.38
CA PHE B 173 -4.55 -6.92 -3.30
C PHE B 173 -5.12 -5.68 -2.62
N PRO B 174 -4.58 -4.50 -2.96
CA PRO B 174 -5.10 -3.25 -2.40
C PRO B 174 -6.61 -3.07 -2.62
N ALA B 175 -7.28 -2.52 -1.63
CA ALA B 175 -8.70 -2.27 -1.70
C ALA B 175 -8.99 -1.26 -2.80
N VAL B 176 -10.17 -1.39 -3.39
CA VAL B 176 -10.67 -0.47 -4.39
C VAL B 176 -12.00 0.08 -3.87
N LEU B 177 -12.26 1.35 -4.12
CA LEU B 177 -13.40 2.03 -3.50
C LEU B 177 -14.50 2.29 -4.53
N GLN B 178 -15.47 1.39 -4.59
CA GLN B 178 -16.74 1.67 -5.24
C GLN B 178 -17.59 2.64 -4.41
N SER B 179 -18.90 2.51 -4.52
CA SER B 179 -19.82 3.52 -3.99
C SER B 179 -19.71 3.61 -2.47
N ASP B 180 -18.66 4.25 -1.99
CA ASP B 180 -18.44 4.40 -0.55
C ASP B 180 -18.35 3.05 0.14
N LEU B 181 -17.90 2.04 -0.61
CA LEU B 181 -17.57 0.75 -0.02
C LEU B 181 -16.33 0.11 -0.67
N TYR B 182 -15.41 -0.38 0.17
CA TYR B 182 -14.20 -1.07 -0.29
C TYR B 182 -14.44 -2.55 -0.60
N THR B 183 -13.69 -3.04 -1.59
CA THR B 183 -13.71 -4.45 -1.96
C THR B 183 -12.27 -4.94 -2.12
N LEU B 184 -11.94 -6.01 -1.40
CA LEU B 184 -10.58 -6.53 -1.36
C LEU B 184 -10.59 -8.02 -1.70
N SER B 185 -9.40 -8.55 -2.01
CA SER B 185 -9.28 -9.94 -2.43
C SER B 185 -7.92 -10.47 -2.02
N SER B 186 -7.82 -11.77 -1.78
CA SER B 186 -6.55 -12.35 -1.37
C SER B 186 -6.42 -13.75 -1.94
N SER B 187 -5.28 -14.04 -2.55
CA SER B 187 -5.07 -15.34 -3.14
C SER B 187 -3.99 -16.11 -2.40
N VAL B 188 -4.20 -17.41 -2.27
CA VAL B 188 -3.20 -18.31 -1.69
C VAL B 188 -3.01 -19.52 -2.61
N THR B 189 -1.76 -19.85 -2.88
CA THR B 189 -1.41 -20.93 -3.79
C THR B 189 -0.59 -21.97 -3.05
N VAL B 190 -1.08 -23.20 -3.07
CA VAL B 190 -0.47 -24.31 -2.31
C VAL B 190 -0.26 -25.54 -3.20
N PRO B 191 0.63 -26.46 -2.78
CA PRO B 191 0.77 -27.74 -3.50
C PRO B 191 -0.57 -28.48 -3.48
N SER B 192 -0.99 -28.99 -4.64
CA SER B 192 -2.32 -29.58 -4.79
C SER B 192 -2.56 -30.86 -3.98
N SER B 193 -1.53 -31.30 -3.28
CA SER B 193 -1.62 -32.47 -2.41
C SER B 193 -1.76 -32.08 -0.92
N THR B 194 -1.83 -30.77 -0.64
CA THR B 194 -2.16 -30.29 0.71
C THR B 194 -3.53 -29.61 0.77
N TRP B 195 -4.37 -29.88 -0.24
CA TRP B 195 -5.76 -29.39 -0.30
C TRP B 195 -6.50 -30.11 -1.44
N PRO B 196 -7.72 -30.63 -1.17
CA PRO B 196 -8.55 -30.48 0.03
C PRO B 196 -8.03 -31.25 1.24
N SER B 197 -7.17 -32.24 0.98
CA SER B 197 -6.47 -33.01 2.01
C SER B 197 -6.28 -32.28 3.35
N GLU B 198 -5.64 -31.11 3.30
CA GLU B 198 -5.38 -30.33 4.52
C GLU B 198 -6.21 -29.05 4.56
N THR B 199 -6.19 -28.38 5.71
CA THR B 199 -7.03 -27.20 5.96
C THR B 199 -6.41 -25.90 5.45
N VAL B 200 -7.21 -25.10 4.75
CA VAL B 200 -6.81 -23.76 4.36
C VAL B 200 -7.91 -22.76 4.74
N THR B 201 -7.58 -21.81 5.61
CA THR B 201 -8.53 -20.83 6.16
C THR B 201 -7.99 -19.41 6.07
N CYS B 202 -8.82 -18.46 5.66
CA CYS B 202 -8.42 -17.04 5.69
C CYS B 202 -8.96 -16.26 6.91
N ASN B 203 -8.07 -15.54 7.58
CA ASN B 203 -8.39 -14.76 8.79
C ASN B 203 -8.52 -13.28 8.46
N VAL B 204 -9.76 -12.81 8.34
CA VAL B 204 -10.05 -11.40 8.04
C VAL B 204 -10.37 -10.65 9.34
N ALA B 205 -9.86 -9.41 9.45
CA ALA B 205 -10.15 -8.57 10.60
C ALA B 205 -10.43 -7.14 10.17
N HIS B 206 -11.54 -6.59 10.65
CA HIS B 206 -11.91 -5.20 10.36
C HIS B 206 -12.16 -4.47 11.69
N PRO B 207 -11.08 -3.96 12.32
CA PRO B 207 -11.12 -3.35 13.66
C PRO B 207 -12.18 -2.27 13.84
N ALA B 208 -12.45 -1.50 12.79
CA ALA B 208 -13.46 -0.44 12.88
C ALA B 208 -14.82 -0.96 13.35
N SER B 209 -15.27 -2.07 12.75
CA SER B 209 -16.55 -2.68 13.11
C SER B 209 -16.42 -3.87 14.06
N SER B 210 -15.22 -4.06 14.62
CA SER B 210 -14.91 -5.18 15.51
C SER B 210 -15.23 -6.55 14.89
N THR B 211 -14.90 -6.70 13.60
CA THR B 211 -15.16 -7.93 12.86
C THR B 211 -13.97 -8.87 12.98
N LYS B 212 -14.25 -10.14 13.26
CA LYS B 212 -13.24 -11.20 13.28
C LYS B 212 -13.81 -12.47 12.65
N VAL B 213 -13.74 -12.55 11.32
CA VAL B 213 -14.25 -13.69 10.57
C VAL B 213 -13.11 -14.63 10.18
N ASP B 214 -13.38 -15.94 10.21
CA ASP B 214 -12.51 -16.96 9.61
C ASP B 214 -13.30 -17.72 8.54
N LYS B 215 -12.63 -18.15 7.47
CA LYS B 215 -13.28 -18.89 6.40
C LYS B 215 -12.47 -20.06 5.89
N LYS B 216 -12.88 -21.25 6.28
CA LYS B 216 -12.33 -22.48 5.71
C LYS B 216 -12.70 -22.52 4.23
N ILE B 217 -11.76 -22.94 3.39
CA ILE B 217 -12.03 -23.05 1.97
C ILE B 217 -12.43 -24.49 1.62
N VAL B 218 -13.69 -24.66 1.25
CA VAL B 218 -14.28 -25.99 1.04
C VAL B 218 -14.45 -26.34 -0.44
N PRO B 219 -14.03 -27.57 -0.83
CA PRO B 219 -13.97 -28.16 -2.17
C PRO B 219 -15.02 -27.75 -3.22
N ARG B 220 -16.31 -27.77 -2.86
CA ARG B 220 -17.45 -27.50 -3.78
C ARG B 220 -18.14 -28.79 -4.21
N ASP B 221 -19.48 -28.81 -4.02
CA ASP B 221 -20.28 -30.03 -4.16
C ASP B 221 -21.78 -29.78 -4.44
N CYS B 222 -22.50 -30.85 -4.81
CA CYS B 222 -23.96 -30.80 -5.04
C CYS B 222 -24.73 -31.77 -4.13
C1 GOL C . 12.91 27.91 19.39
O1 GOL C . 12.29 28.19 18.15
C2 GOL C . 13.38 29.20 20.06
O2 GOL C . 14.65 28.95 20.62
C3 GOL C . 12.40 29.56 21.18
O3 GOL C . 12.76 30.77 21.79
#